data_7NXU
#
_entry.id   7NXU
#
_cell.length_a   72.980
_cell.length_b   72.980
_cell.length_c   196.586
_cell.angle_alpha   90.000
_cell.angle_beta   90.000
_cell.angle_gamma   90.000
#
_symmetry.space_group_name_H-M   'P 41 21 2'
#
loop_
_entity.id
_entity.type
_entity.pdbx_description
1 polymer 'NS3 helicase domain'
2 non-polymer 'PHOSPHATE ION'
3 non-polymer 'MANGANESE (II) ION'
4 non-polymer "ADENOSINE-5'-DIPHOSPHATE"
5 non-polymer 'SODIUM ION'
6 water water
#
_entity_poly.entity_id   1
_entity_poly.type   'polypeptide(L)'
_entity_poly.pdbx_seq_one_letter_code
;MGHHHHHHHHHHSSGHIDDDDKHMEKSRPNLPQAVVGTGWTSKGQITVLDMHPGSGKTHRVLPELIRQCIDRRLRTLVLA
PTRVVLKEMERALNGKRVRFHSPAVSDQQAGGAIVDVMCHATYVNRRLLPQGRQNWEVAIMDEAHWTDPHSIAARGHLYT
LAKENKCALVLMTATPPGKSEPFPESNGAITSEERQIPDGEWRDGFDWITEYEGRTAWFVPSIAKGGAIARTLRQKGKSV
ICLNSKTFEKDYSRVRDEKPDFVVTTDISEMGANLDVSRVIDGRTNIKPEEVDGKVELTGTRRVTTASAAQRRGRVGRQD
GRTDEYIYSGQCDDDDSGLVQWKEAQILLDNITTLRGPVATFYGPEQDKMPEVAGHFRLTEEKRKHFRHLLTHCDFTPWL
AWHVAANVSSVTDRSWTWEGPEANAVDEASGDLVTFRSPNGAERTLRPVWKDARMFKEGRDIKEFVAYASGRR
;
_entity_poly.pdbx_strand_id   A
#
loop_
_chem_comp.id
_chem_comp.type
_chem_comp.name
_chem_comp.formula
ADP non-polymer ADENOSINE-5'-DIPHOSPHATE 'C10 H15 N5 O10 P2'
MN non-polymer 'MANGANESE (II) ION' 'Mn 2'
NA non-polymer 'SODIUM ION' 'Na 1'
PO4 non-polymer 'PHOSPHATE ION' 'O4 P -3'
#
# COMPACT_ATOMS: atom_id res chain seq x y z
N PRO A 32 2.99 -13.52 25.17
CA PRO A 32 3.78 -13.45 23.93
C PRO A 32 3.62 -14.71 23.07
N GLN A 33 3.22 -14.54 21.80
CA GLN A 33 2.74 -15.63 20.90
C GLN A 33 3.63 -16.87 21.02
N ALA A 34 3.03 -18.07 21.03
CA ALA A 34 3.66 -19.38 21.33
C ALA A 34 4.88 -19.63 20.44
N VAL A 35 4.67 -19.51 19.13
CA VAL A 35 5.63 -19.95 18.07
C VAL A 35 6.93 -19.14 18.11
N VAL A 36 7.05 -18.14 19.00
CA VAL A 36 8.25 -17.24 19.06
C VAL A 36 8.85 -17.26 20.48
N GLY A 37 8.81 -18.41 21.18
CA GLY A 37 9.57 -18.65 22.43
C GLY A 37 11.07 -18.78 22.17
N THR A 38 11.50 -19.72 21.30
CA THR A 38 12.83 -19.71 20.60
C THR A 38 12.89 -20.84 19.56
N GLY A 39 13.87 -20.82 18.66
CA GLY A 39 13.89 -21.65 17.44
C GLY A 39 13.29 -20.94 16.23
N TRP A 40 12.53 -19.85 16.45
CA TRP A 40 11.93 -19.01 15.38
C TRP A 40 13.03 -18.30 14.58
N THR A 41 14.20 -18.11 15.19
CA THR A 41 15.30 -17.37 14.56
C THR A 41 16.16 -18.32 13.74
N SER A 42 15.75 -19.59 13.59
CA SER A 42 16.57 -20.61 12.88
C SER A 42 16.38 -20.50 11.37
N LYS A 43 17.50 -20.57 10.65
CA LYS A 43 17.60 -20.46 9.18
C LYS A 43 16.64 -21.48 8.62
N GLY A 44 15.72 -21.01 7.76
CA GLY A 44 14.70 -21.84 7.12
C GLY A 44 13.37 -21.81 7.85
N GLN A 45 13.31 -21.25 9.07
CA GLN A 45 12.02 -21.18 9.81
C GLN A 45 11.15 -20.00 9.32
N ILE A 46 9.90 -20.30 8.93
CA ILE A 46 8.89 -19.30 8.51
C ILE A 46 7.79 -19.27 9.56
N THR A 47 7.66 -18.18 10.28
CA THR A 47 6.65 -18.01 11.36
C THR A 47 5.60 -17.00 10.90
N VAL A 48 4.40 -17.47 10.62
CA VAL A 48 3.20 -16.60 10.40
C VAL A 48 2.58 -16.31 11.77
N LEU A 49 2.54 -15.05 12.15
CA LEU A 49 1.79 -14.58 13.33
C LEU A 49 0.47 -13.99 12.86
N ASP A 50 -0.59 -14.81 12.93
CA ASP A 50 -1.98 -14.37 12.70
C ASP A 50 -2.47 -13.76 14.01
N MET A 51 -2.33 -12.45 14.10
CA MET A 51 -2.58 -11.68 15.34
C MET A 51 -3.59 -10.58 15.03
N HIS A 52 -4.74 -10.62 15.69
CA HIS A 52 -5.86 -9.67 15.40
C HIS A 52 -5.37 -8.23 15.56
N PRO A 53 -6.12 -7.26 14.97
CA PRO A 53 -5.79 -5.85 15.10
C PRO A 53 -5.88 -5.37 16.55
N GLY A 54 -4.97 -4.50 16.94
CA GLY A 54 -4.81 -4.01 18.33
C GLY A 54 -4.20 -5.06 19.25
N SER A 55 -3.81 -6.24 18.76
CA SER A 55 -3.30 -7.34 19.65
C SER A 55 -1.83 -7.10 20.07
N GLY A 56 -1.10 -6.15 19.47
CA GLY A 56 0.26 -5.74 19.90
C GLY A 56 1.39 -6.16 18.96
N LYS A 57 1.08 -6.53 17.72
CA LYS A 57 2.09 -6.90 16.69
C LYS A 57 3.23 -5.88 16.68
N THR A 58 2.89 -4.61 16.60
CA THR A 58 3.85 -3.51 16.33
C THR A 58 4.54 -3.06 17.64
N HIS A 59 3.80 -2.89 18.73
CA HIS A 59 4.28 -2.15 19.93
C HIS A 59 4.68 -3.10 21.07
N ARG A 60 4.39 -4.39 20.96
CA ARG A 60 4.63 -5.38 22.05
C ARG A 60 5.44 -6.55 21.51
N VAL A 61 4.90 -7.29 20.55
CA VAL A 61 5.54 -8.50 19.98
C VAL A 61 6.86 -8.10 19.29
N LEU A 62 6.85 -7.07 18.44
CA LEU A 62 8.03 -6.66 17.68
C LEU A 62 9.19 -6.27 18.61
N PRO A 63 9.04 -5.39 19.63
CA PRO A 63 10.13 -5.10 20.56
C PRO A 63 10.69 -6.36 21.23
N GLU A 64 9.85 -7.34 21.57
CA GLU A 64 10.30 -8.61 22.18
C GLU A 64 11.16 -9.38 21.17
N LEU A 65 10.74 -9.45 19.90
CA LEU A 65 11.50 -10.21 18.88
C LEU A 65 12.85 -9.53 18.68
N ILE A 66 12.87 -8.19 18.66
CA ILE A 66 14.12 -7.40 18.47
C ILE A 66 15.05 -7.61 19.68
N ARG A 67 14.55 -7.45 20.91
CA ARG A 67 15.32 -7.72 22.17
C ARG A 67 15.96 -9.13 22.03
N GLN A 68 15.22 -10.15 21.59
CA GLN A 68 15.80 -11.50 21.44
C GLN A 68 16.93 -11.46 20.41
N CYS A 69 16.66 -10.97 19.21
CA CYS A 69 17.61 -10.90 18.06
C CYS A 69 18.91 -10.23 18.50
N ILE A 70 18.81 -9.12 19.23
CA ILE A 70 19.98 -8.33 19.72
C ILE A 70 20.73 -9.14 20.80
N ASP A 71 20.03 -9.83 21.70
CA ASP A 71 20.69 -10.66 22.73
C ASP A 71 21.45 -11.80 22.04
N ARG A 72 20.91 -12.38 20.96
CA ARG A 72 21.49 -13.55 20.23
C ARG A 72 22.41 -13.10 19.09
N ARG A 73 22.59 -11.79 18.92
CA ARG A 73 23.48 -11.11 17.94
C ARG A 73 23.18 -11.62 16.52
N LEU A 74 21.90 -11.67 16.20
CA LEU A 74 21.44 -12.08 14.85
C LEU A 74 21.15 -10.82 14.05
N ARG A 75 21.76 -10.71 12.87
CA ARG A 75 21.52 -9.55 12.00
C ARG A 75 20.07 -9.62 11.49
N THR A 76 19.33 -8.53 11.70
CA THR A 76 17.85 -8.55 11.69
C THR A 76 17.30 -7.40 10.84
N LEU A 77 16.46 -7.76 9.87
CA LEU A 77 15.67 -6.84 9.02
C LEU A 77 14.21 -6.74 9.51
N VAL A 78 13.72 -5.50 9.72
CA VAL A 78 12.32 -5.15 10.07
C VAL A 78 11.71 -4.25 8.97
N LEU A 79 10.58 -4.70 8.40
CA LEU A 79 9.89 -4.07 7.23
C LEU A 79 8.52 -3.52 7.67
N ALA A 80 8.42 -2.20 7.62
CA ALA A 80 7.18 -1.43 7.84
C ALA A 80 6.52 -1.11 6.49
N PRO A 81 5.20 -1.18 6.38
CA PRO A 81 4.50 -0.90 5.12
C PRO A 81 4.72 0.56 4.69
N THR A 82 4.72 1.46 5.67
CA THR A 82 4.46 2.89 5.48
C THR A 82 5.33 3.67 6.47
N ARG A 83 5.47 4.96 6.22
CA ARG A 83 6.21 5.89 7.12
C ARG A 83 5.54 5.94 8.49
N VAL A 84 4.22 5.91 8.52
CA VAL A 84 3.49 6.03 9.82
C VAL A 84 3.77 4.80 10.69
N VAL A 85 3.70 3.60 10.12
CA VAL A 85 4.11 2.37 10.86
C VAL A 85 5.60 2.44 11.18
N LEU A 86 6.43 3.03 10.30
CA LEU A 86 7.87 3.15 10.65
C LEU A 86 8.05 4.04 11.87
N LYS A 87 7.29 5.13 11.97
CA LYS A 87 7.38 6.06 13.12
C LYS A 87 6.80 5.37 14.36
N GLU A 88 5.72 4.60 14.21
CA GLU A 88 5.22 3.67 15.27
C GLU A 88 6.42 2.87 15.82
N MET A 89 7.21 2.22 14.94
CA MET A 89 8.32 1.30 15.31
C MET A 89 9.42 2.07 16.04
N GLU A 90 9.70 3.32 15.65
CA GLU A 90 10.77 4.14 16.27
C GLU A 90 10.48 4.38 17.76
N ARG A 91 9.20 4.60 18.10
CA ARG A 91 8.67 4.66 19.49
C ARG A 91 8.70 3.27 20.17
N ALA A 92 8.21 2.23 19.50
CA ALA A 92 8.19 0.84 20.01
C ALA A 92 9.61 0.31 20.28
N LEU A 93 10.63 0.74 19.51
CA LEU A 93 12.05 0.28 19.64
C LEU A 93 12.93 1.40 20.22
N ASN A 94 12.32 2.42 20.81
CA ASN A 94 13.05 3.48 21.54
C ASN A 94 13.96 2.79 22.57
N GLY A 95 15.21 3.26 22.68
CA GLY A 95 16.21 2.80 23.66
C GLY A 95 16.79 1.45 23.29
N LYS A 96 16.70 1.05 22.02
CA LYS A 96 17.39 -0.15 21.46
C LYS A 96 18.35 0.31 20.38
N ARG A 97 19.51 -0.35 20.22
CA ARG A 97 20.48 -0.09 19.11
C ARG A 97 19.88 -0.61 17.79
N VAL A 98 19.21 0.27 17.05
CA VAL A 98 18.50 -0.09 15.79
C VAL A 98 18.80 1.03 14.81
N ARG A 99 19.00 0.72 13.52
CA ARG A 99 19.16 1.76 12.47
C ARG A 99 17.88 1.83 11.63
N PHE A 100 17.28 3.02 11.61
CA PHE A 100 16.07 3.39 10.83
C PHE A 100 16.51 4.01 9.50
N HIS A 101 16.04 3.45 8.39
CA HIS A 101 16.34 3.90 7.01
C HIS A 101 15.17 4.69 6.41
N SER A 102 15.45 5.87 5.85
CA SER A 102 14.65 6.53 4.79
C SER A 102 15.23 6.15 3.42
N GLY A 112 26.95 1.15 14.41
CA GLY A 112 27.21 0.01 15.31
C GLY A 112 25.93 -0.65 15.78
N ALA A 113 25.04 -1.01 14.84
CA ALA A 113 23.72 -1.63 15.11
C ALA A 113 23.48 -2.76 14.11
N ILE A 114 22.85 -3.85 14.56
CA ILE A 114 22.64 -5.08 13.74
C ILE A 114 21.15 -5.27 13.41
N VAL A 115 20.28 -4.35 13.82
CA VAL A 115 18.86 -4.36 13.39
C VAL A 115 18.66 -3.19 12.43
N ASP A 116 18.20 -3.47 11.22
CA ASP A 116 17.81 -2.46 10.20
C ASP A 116 16.28 -2.47 10.06
N VAL A 117 15.67 -1.29 10.24
CA VAL A 117 14.22 -1.02 10.06
C VAL A 117 14.02 -0.10 8.86
N MET A 118 13.18 -0.51 7.93
CA MET A 118 12.91 0.26 6.70
C MET A 118 11.53 -0.13 6.18
N CYS A 119 11.05 0.61 5.19
CA CYS A 119 9.75 0.40 4.51
C CYS A 119 9.90 -0.79 3.54
N HIS A 120 8.78 -1.46 3.20
CA HIS A 120 8.81 -2.62 2.26
C HIS A 120 9.45 -2.16 0.95
N ALA A 121 9.04 -0.99 0.46
CA ALA A 121 9.50 -0.41 -0.82
C ALA A 121 11.01 -0.17 -0.76
N THR A 122 11.54 0.34 0.34
CA THR A 122 12.96 0.74 0.48
C THR A 122 13.82 -0.51 0.23
N TYR A 123 13.44 -1.61 0.86
CA TYR A 123 14.14 -2.89 0.78
C TYR A 123 14.21 -3.32 -0.68
N VAL A 124 13.05 -3.42 -1.34
CA VAL A 124 12.95 -3.90 -2.73
C VAL A 124 13.76 -2.96 -3.65
N ASN A 125 13.59 -1.63 -3.48
CA ASN A 125 14.20 -0.63 -4.39
C ASN A 125 15.73 -0.67 -4.26
N ARG A 126 16.23 -0.87 -3.04
CA ARG A 126 17.69 -1.01 -2.81
C ARG A 126 18.17 -2.29 -3.49
N ARG A 127 17.37 -3.36 -3.51
CA ARG A 127 17.80 -4.65 -4.11
C ARG A 127 17.80 -4.59 -5.64
N LEU A 128 17.37 -3.48 -6.23
CA LEU A 128 17.42 -3.24 -7.70
C LEU A 128 18.83 -2.84 -8.16
N LEU A 129 19.74 -2.50 -7.24
CA LEU A 129 21.22 -2.39 -7.48
C LEU A 129 21.89 -3.72 -7.13
N GLY A 132 25.66 -3.27 -4.14
CA GLY A 132 26.29 -4.06 -3.06
C GLY A 132 25.31 -4.40 -1.93
N ARG A 133 24.38 -5.33 -2.20
CA ARG A 133 23.20 -5.57 -1.33
C ARG A 133 23.64 -6.15 0.01
N GLN A 134 22.96 -5.71 1.07
CA GLN A 134 23.16 -6.15 2.48
C GLN A 134 22.40 -7.45 2.73
N ASN A 135 22.79 -8.21 3.76
CA ASN A 135 22.15 -9.50 4.08
C ASN A 135 21.78 -9.53 5.56
N TRP A 136 20.63 -10.12 5.86
CA TRP A 136 20.17 -10.32 7.25
C TRP A 136 19.80 -11.79 7.41
N GLU A 137 19.95 -12.37 8.60
CA GLU A 137 19.60 -13.81 8.79
C GLU A 137 18.21 -13.93 9.43
N VAL A 138 17.71 -12.85 10.07
CA VAL A 138 16.27 -12.76 10.50
C VAL A 138 15.54 -11.59 9.81
N ALA A 139 14.35 -11.88 9.29
CA ALA A 139 13.45 -10.91 8.60
C ALA A 139 12.07 -10.95 9.24
N ILE A 140 11.62 -9.78 9.72
CA ILE A 140 10.30 -9.56 10.35
C ILE A 140 9.53 -8.58 9.46
N MET A 141 8.43 -9.05 8.85
CA MET A 141 7.56 -8.18 8.02
C MET A 141 6.26 -7.87 8.76
N ASP A 142 6.08 -6.60 9.11
CA ASP A 142 4.81 -6.05 9.68
C ASP A 142 3.81 -5.80 8.53
N GLU A 143 2.52 -6.03 8.79
CA GLU A 143 1.43 -5.84 7.79
C GLU A 143 1.74 -6.63 6.52
N ALA A 144 1.95 -7.93 6.70
CA ALA A 144 2.39 -8.88 5.66
C ALA A 144 1.22 -9.33 4.76
N HIS A 145 0.02 -8.77 4.94
CA HIS A 145 -1.14 -8.95 4.01
C HIS A 145 -1.06 -7.94 2.85
N TRP A 146 -0.34 -6.82 2.99
CA TRP A 146 -0.49 -5.66 2.07
C TRP A 146 -0.27 -6.10 0.62
N THR A 147 -1.18 -5.75 -0.29
CA THR A 147 -1.13 -6.13 -1.72
C THR A 147 -0.51 -5.00 -2.57
N ASP A 148 0.22 -4.06 -1.97
CA ASP A 148 1.17 -3.17 -2.68
C ASP A 148 2.22 -4.04 -3.38
N PRO A 149 2.52 -3.79 -4.67
CA PRO A 149 3.51 -4.59 -5.40
C PRO A 149 4.89 -4.71 -4.73
N HIS A 150 5.46 -3.64 -4.19
CA HIS A 150 6.69 -3.75 -3.36
C HIS A 150 6.48 -4.75 -2.21
N SER A 151 5.30 -4.77 -1.59
CA SER A 151 5.08 -5.62 -0.39
C SER A 151 4.99 -7.09 -0.85
N ILE A 152 4.24 -7.36 -1.91
CA ILE A 152 4.11 -8.73 -2.48
C ILE A 152 5.51 -9.21 -2.89
N ALA A 153 6.31 -8.33 -3.50
CA ALA A 153 7.66 -8.64 -4.02
C ALA A 153 8.60 -8.94 -2.85
N ALA A 154 8.56 -8.14 -1.80
CA ALA A 154 9.44 -8.28 -0.61
C ALA A 154 9.13 -9.60 0.13
N ARG A 155 7.86 -9.94 0.32
CA ARG A 155 7.57 -11.18 1.07
C ARG A 155 7.91 -12.39 0.17
N GLY A 156 7.79 -12.23 -1.15
CA GLY A 156 8.19 -13.25 -2.14
C GLY A 156 9.68 -13.55 -2.09
N HIS A 157 10.52 -12.52 -2.12
CA HIS A 157 11.99 -12.64 -2.04
C HIS A 157 12.39 -13.25 -0.70
N LEU A 158 11.74 -12.84 0.40
CA LEU A 158 12.13 -13.26 1.76
C LEU A 158 11.70 -14.72 1.94
N TYR A 159 10.51 -15.09 1.48
CA TYR A 159 9.98 -16.48 1.43
C TYR A 159 10.93 -17.39 0.65
N THR A 160 11.40 -16.93 -0.51
CA THR A 160 12.36 -17.67 -1.36
C THR A 160 13.67 -17.91 -0.60
N LEU A 161 14.20 -16.89 0.09
CA LEU A 161 15.46 -17.01 0.87
C LEU A 161 15.21 -18.04 2.00
N ALA A 162 14.12 -17.87 2.75
CA ALA A 162 13.76 -18.77 3.86
C ALA A 162 13.82 -20.20 3.33
N LYS A 163 13.10 -20.46 2.24
CA LYS A 163 12.97 -21.77 1.56
C LYS A 163 14.34 -22.31 1.11
N GLU A 164 15.40 -21.50 1.14
CA GLU A 164 16.76 -21.95 0.77
C GLU A 164 17.69 -21.88 1.98
N ASN A 165 17.12 -21.69 3.16
CA ASN A 165 17.87 -21.69 4.45
C ASN A 165 18.88 -20.55 4.52
N LYS A 166 18.56 -19.39 3.92
CA LYS A 166 19.45 -18.21 3.96
C LYS A 166 19.03 -17.34 5.14
N CYS A 167 17.78 -17.44 5.56
CA CYS A 167 17.25 -16.59 6.66
C CYS A 167 16.02 -17.22 7.30
N ALA A 168 15.66 -16.69 8.47
CA ALA A 168 14.39 -16.94 9.18
C ALA A 168 13.43 -15.77 8.86
N LEU A 169 12.15 -16.10 8.64
CA LEU A 169 11.13 -15.10 8.21
C LEU A 169 9.99 -15.09 9.22
N VAL A 170 9.61 -13.92 9.72
CA VAL A 170 8.32 -13.73 10.47
C VAL A 170 7.42 -12.77 9.67
N LEU A 171 6.23 -13.25 9.33
CA LEU A 171 5.13 -12.44 8.76
C LEU A 171 4.12 -12.12 9.85
N MET A 172 3.94 -10.86 10.20
CA MET A 172 2.88 -10.45 11.17
C MET A 172 1.76 -9.74 10.41
N THR A 173 0.52 -10.17 10.61
CA THR A 173 -0.70 -9.47 10.13
C THR A 173 -1.92 -10.09 10.80
N ALA A 174 -3.00 -9.31 10.87
CA ALA A 174 -4.37 -9.73 11.24
C ALA A 174 -4.91 -10.73 10.22
N THR A 175 -4.53 -10.60 8.95
CA THR A 175 -5.08 -11.46 7.86
C THR A 175 -3.96 -12.03 6.99
N PRO A 176 -3.36 -13.17 7.41
CA PRO A 176 -2.41 -13.90 6.59
C PRO A 176 -3.00 -14.13 5.21
N PRO A 177 -2.18 -14.01 4.13
CA PRO A 177 -2.62 -14.42 2.80
C PRO A 177 -3.08 -15.88 2.87
N GLY A 178 -4.24 -16.19 2.27
CA GLY A 178 -4.88 -17.52 2.29
C GLY A 178 -6.10 -17.55 3.20
N LYS A 179 -6.03 -16.85 4.32
CA LYS A 179 -7.15 -16.80 5.30
C LYS A 179 -8.17 -15.75 4.84
N SER A 180 -9.44 -16.11 4.86
CA SER A 180 -10.57 -15.28 4.42
C SER A 180 -11.48 -14.97 5.62
N GLU A 181 -11.23 -13.87 6.35
CA GLU A 181 -11.91 -13.59 7.64
C GLU A 181 -12.15 -12.09 7.80
N PRO A 182 -13.36 -11.58 7.47
CA PRO A 182 -13.62 -10.14 7.53
C PRO A 182 -13.86 -9.63 8.96
N PHE A 183 -14.25 -10.55 9.86
CA PHE A 183 -14.64 -10.24 11.26
C PHE A 183 -13.65 -10.90 12.20
N PRO A 184 -12.35 -10.52 12.22
CA PRO A 184 -11.39 -11.10 13.16
C PRO A 184 -11.73 -10.64 14.59
N GLU A 185 -10.91 -11.05 15.57
CA GLU A 185 -11.14 -10.73 17.00
C GLU A 185 -10.73 -9.28 17.23
N SER A 186 -11.19 -8.70 18.33
CA SER A 186 -10.91 -7.29 18.69
C SER A 186 -10.62 -7.25 20.19
N ASN A 187 -9.92 -6.21 20.67
CA ASN A 187 -9.68 -6.00 22.11
C ASN A 187 -11.01 -5.64 22.79
N GLY A 188 -11.94 -5.04 22.05
CA GLY A 188 -13.27 -4.66 22.56
C GLY A 188 -14.32 -5.08 21.58
N ALA A 189 -15.58 -5.10 22.00
CA ALA A 189 -16.73 -5.52 21.18
C ALA A 189 -16.92 -4.53 20.01
N ILE A 190 -17.33 -5.09 18.88
CA ILE A 190 -17.77 -4.33 17.70
C ILE A 190 -19.14 -4.87 17.37
N THR A 191 -20.14 -3.99 17.31
CA THR A 191 -21.45 -4.31 16.68
C THR A 191 -21.32 -4.02 15.19
N SER A 192 -21.37 -5.08 14.37
CA SER A 192 -21.34 -4.96 12.89
C SER A 192 -22.76 -5.05 12.34
N GLU A 193 -23.15 -4.09 11.52
CA GLU A 193 -24.49 -4.03 10.89
C GLU A 193 -24.37 -3.61 9.42
N GLU A 194 -25.11 -4.30 8.56
CA GLU A 194 -25.26 -3.98 7.13
C GLU A 194 -26.36 -2.93 7.00
N ARG A 195 -26.01 -1.78 6.42
CA ARG A 195 -26.96 -0.72 6.02
C ARG A 195 -26.56 -0.21 4.63
N GLN A 196 -27.52 0.34 3.90
CA GLN A 196 -27.26 1.10 2.65
C GLN A 196 -26.37 2.29 3.05
N ILE A 197 -25.30 2.52 2.30
CA ILE A 197 -24.37 3.64 2.56
C ILE A 197 -24.37 4.54 1.32
N PRO A 198 -24.49 5.88 1.47
CA PRO A 198 -24.41 6.77 0.33
C PRO A 198 -23.09 6.66 -0.44
N ASP A 199 -23.19 6.73 -1.78
CA ASP A 199 -22.10 6.48 -2.75
C ASP A 199 -21.54 7.82 -3.24
N GLY A 200 -22.14 8.92 -2.77
CA GLY A 200 -21.87 10.30 -3.20
C GLY A 200 -22.74 11.23 -2.40
N GLU A 201 -23.03 12.44 -2.88
CA GLU A 201 -23.88 13.42 -2.14
C GLU A 201 -25.25 12.82 -1.82
N TRP A 202 -25.88 13.27 -0.75
CA TRP A 202 -27.24 12.84 -0.34
C TRP A 202 -27.87 13.99 0.44
N ARG A 203 -29.20 14.01 0.54
CA ARG A 203 -29.97 15.16 1.08
C ARG A 203 -30.73 14.64 2.31
N ASP A 204 -31.63 13.68 2.11
CA ASP A 204 -32.37 13.06 3.25
C ASP A 204 -32.22 11.55 3.14
N GLY A 205 -32.72 10.83 4.14
CA GLY A 205 -32.89 9.36 4.09
C GLY A 205 -31.74 8.60 4.73
N PHE A 206 -30.76 9.26 5.36
CA PHE A 206 -29.62 8.58 6.03
C PHE A 206 -29.29 9.34 7.32
N ASP A 207 -30.31 9.55 8.14
CA ASP A 207 -30.24 10.34 9.41
C ASP A 207 -29.26 9.67 10.40
N TRP A 208 -29.15 8.34 10.35
CA TRP A 208 -28.25 7.56 11.25
C TRP A 208 -26.79 8.05 11.12
N ILE A 209 -26.39 8.63 9.97
CA ILE A 209 -25.00 9.14 9.75
C ILE A 209 -24.74 10.35 10.64
N THR A 210 -25.62 11.33 10.61
CA THR A 210 -25.41 12.67 11.18
C THR A 210 -25.97 12.76 12.60
N GLU A 211 -26.85 11.85 13.01
CA GLU A 211 -27.42 11.87 14.40
C GLU A 211 -26.51 11.11 15.39
N TYR A 212 -25.48 10.40 14.91
CA TYR A 212 -24.46 9.70 15.73
C TYR A 212 -23.68 10.70 16.58
N GLU A 213 -23.37 10.38 17.83
CA GLU A 213 -22.77 11.36 18.79
C GLU A 213 -21.24 11.27 18.86
N GLY A 214 -20.65 10.12 18.56
CA GLY A 214 -19.18 9.98 18.54
C GLY A 214 -18.54 10.35 17.21
N ARG A 215 -17.25 10.08 17.10
CA ARG A 215 -16.41 10.35 15.91
C ARG A 215 -16.45 9.12 15.00
N THR A 216 -16.45 9.36 13.68
CA THR A 216 -16.60 8.27 12.69
C THR A 216 -15.40 8.31 11.74
N ALA A 217 -14.99 7.14 11.27
CA ALA A 217 -14.13 7.01 10.09
C ALA A 217 -14.97 6.41 8.99
N TRP A 218 -15.03 7.10 7.85
CA TRP A 218 -15.76 6.58 6.65
C TRP A 218 -14.75 6.27 5.55
N PHE A 219 -14.62 4.99 5.19
CA PHE A 219 -13.76 4.51 4.09
C PHE A 219 -14.48 4.73 2.77
N VAL A 220 -13.75 5.30 1.82
CA VAL A 220 -14.23 5.58 0.44
C VAL A 220 -13.24 4.96 -0.54
N PRO A 221 -13.73 4.60 -1.73
CA PRO A 221 -12.92 3.88 -2.70
C PRO A 221 -11.94 4.75 -3.49
N SER A 222 -12.11 6.08 -3.45
CA SER A 222 -11.29 7.05 -4.24
C SER A 222 -11.22 8.41 -3.54
N ILE A 223 -10.26 9.23 -3.95
CA ILE A 223 -10.14 10.63 -3.47
C ILE A 223 -11.37 11.44 -3.88
N ALA A 224 -11.76 11.37 -5.15
CA ALA A 224 -12.94 12.05 -5.72
C ALA A 224 -14.22 11.65 -4.96
N LYS A 225 -14.48 10.36 -4.76
CA LYS A 225 -15.67 9.95 -3.95
C LYS A 225 -15.56 10.54 -2.55
N GLY A 226 -14.38 10.47 -1.92
CA GLY A 226 -14.06 11.13 -0.63
C GLY A 226 -14.46 12.59 -0.59
N GLY A 227 -14.13 13.37 -1.62
CA GLY A 227 -14.43 14.80 -1.67
C GLY A 227 -15.92 15.09 -1.66
N ALA A 228 -16.71 14.25 -2.33
CA ALA A 228 -18.18 14.45 -2.43
C ALA A 228 -18.85 14.08 -1.07
N ILE A 229 -18.41 13.00 -0.42
CA ILE A 229 -18.90 12.66 0.95
C ILE A 229 -18.55 13.84 1.89
N ALA A 230 -17.31 14.33 1.84
CA ALA A 230 -16.85 15.37 2.79
C ALA A 230 -17.69 16.65 2.59
N ARG A 231 -17.95 17.03 1.34
CA ARG A 231 -18.71 18.26 1.03
C ARG A 231 -20.11 18.16 1.64
N THR A 232 -20.81 17.04 1.47
CA THR A 232 -22.15 16.83 2.05
C THR A 232 -22.10 16.92 3.58
N LEU A 233 -21.15 16.21 4.22
CA LEU A 233 -21.02 16.18 5.70
C LEU A 233 -20.83 17.62 6.21
N ARG A 234 -20.01 18.42 5.53
CA ARG A 234 -19.71 19.79 6.00
C ARG A 234 -20.95 20.67 5.82
N GLN A 235 -21.72 20.41 4.78
CA GLN A 235 -23.01 21.13 4.54
C GLN A 235 -24.05 20.73 5.59
N LYS A 236 -23.90 19.56 6.19
CA LYS A 236 -24.73 19.10 7.31
C LYS A 236 -24.12 19.54 8.66
N GLY A 237 -23.14 20.44 8.64
CA GLY A 237 -22.57 21.07 9.84
C GLY A 237 -21.59 20.17 10.57
N LYS A 238 -21.02 19.17 9.89
CA LYS A 238 -20.02 18.27 10.50
C LYS A 238 -18.62 18.79 10.19
N SER A 239 -17.69 18.56 11.11
CA SER A 239 -16.26 18.78 10.89
C SER A 239 -15.70 17.53 10.22
N VAL A 240 -14.83 17.72 9.22
CA VAL A 240 -14.32 16.60 8.40
C VAL A 240 -12.85 16.83 8.08
N ILE A 241 -12.06 15.78 8.23
CA ILE A 241 -10.68 15.73 7.70
C ILE A 241 -10.64 14.59 6.71
N CYS A 242 -10.12 14.84 5.52
CA CYS A 242 -9.96 13.83 4.45
C CYS A 242 -8.55 13.27 4.51
N LEU A 243 -8.43 11.96 4.61
CA LEU A 243 -7.11 11.28 4.54
C LEU A 243 -7.04 10.51 3.25
N ASN A 244 -6.00 10.81 2.49
CA ASN A 244 -5.65 10.13 1.23
C ASN A 244 -4.19 10.49 0.92
N SER A 245 -3.63 9.95 -0.16
CA SER A 245 -2.18 10.10 -0.48
C SER A 245 -1.83 11.59 -0.67
N LYS A 246 -2.74 12.43 -1.18
CA LYS A 246 -2.47 13.90 -1.30
C LYS A 246 -2.52 14.66 0.05
N THR A 247 -3.27 14.21 1.06
CA THR A 247 -3.54 15.02 2.27
C THR A 247 -2.85 14.45 3.50
N PHE A 248 -2.35 13.22 3.44
CA PHE A 248 -2.02 12.43 4.66
C PHE A 248 -0.94 13.15 5.49
N GLU A 249 0.19 13.44 4.85
CA GLU A 249 1.39 13.90 5.63
C GLU A 249 1.05 15.22 6.34
N LYS A 250 0.31 16.15 5.71
CA LYS A 250 -0.19 17.36 6.42
C LYS A 250 -1.34 17.06 7.38
N ASP A 251 -2.28 16.16 7.08
CA ASP A 251 -3.59 16.13 7.80
C ASP A 251 -3.69 15.01 8.86
N TYR A 252 -2.94 13.91 8.76
CA TYR A 252 -3.09 12.74 9.67
C TYR A 252 -2.91 13.20 11.13
N SER A 253 -1.84 13.95 11.39
CA SER A 253 -1.50 14.47 12.74
C SER A 253 -2.58 15.44 13.23
N ARG A 254 -3.40 16.04 12.35
CA ARG A 254 -4.49 16.98 12.76
C ARG A 254 -5.63 16.22 13.45
N VAL A 255 -5.82 14.96 13.13
CA VAL A 255 -7.00 14.15 13.61
C VAL A 255 -6.96 14.09 15.13
N ARG A 256 -5.88 13.53 15.66
CA ARG A 256 -5.58 13.52 17.12
C ARG A 256 -5.98 14.87 17.74
N ASP A 257 -5.56 16.00 17.15
CA ASP A 257 -5.68 17.34 17.77
C ASP A 257 -7.10 17.90 17.61
N GLU A 258 -7.69 17.79 16.42
CA GLU A 258 -8.92 18.57 16.09
C GLU A 258 -10.14 17.73 16.42
N LYS A 259 -10.00 16.40 16.42
CA LYS A 259 -11.09 15.47 16.79
C LYS A 259 -12.29 15.78 15.90
N PRO A 260 -12.14 15.67 14.57
CA PRO A 260 -13.24 16.03 13.67
C PRO A 260 -14.40 15.01 13.82
N ASP A 261 -15.63 15.44 13.53
CA ASP A 261 -16.80 14.54 13.55
C ASP A 261 -16.49 13.32 12.65
N PHE A 262 -15.92 13.56 11.49
CA PHE A 262 -15.64 12.53 10.47
C PHE A 262 -14.21 12.63 9.95
N VAL A 263 -13.64 11.46 9.74
CA VAL A 263 -12.44 11.24 8.90
C VAL A 263 -12.92 10.49 7.68
N VAL A 264 -12.82 11.12 6.52
CA VAL A 264 -13.14 10.50 5.20
C VAL A 264 -11.81 10.07 4.59
N THR A 265 -11.61 8.77 4.54
CA THR A 265 -10.28 8.20 4.26
C THR A 265 -10.39 7.18 3.14
N THR A 266 -9.37 7.14 2.29
CA THR A 266 -9.08 5.96 1.43
C THR A 266 -8.51 4.84 2.28
N ASP A 267 -8.14 3.76 1.61
CA ASP A 267 -7.35 2.61 2.12
C ASP A 267 -5.98 3.04 2.67
N ILE A 268 -5.51 4.27 2.45
CA ILE A 268 -4.28 4.77 3.14
C ILE A 268 -4.36 4.52 4.66
N SER A 269 -5.56 4.47 5.25
CA SER A 269 -5.75 4.33 6.72
C SER A 269 -5.98 2.87 7.12
N GLU A 270 -5.86 1.93 6.20
CA GLU A 270 -6.04 0.51 6.55
C GLU A 270 -5.00 0.02 7.55
N MET A 271 -3.77 0.60 7.60
CA MET A 271 -2.63 0.08 8.43
C MET A 271 -1.96 1.16 9.26
N GLY A 272 -1.82 0.89 10.57
CA GLY A 272 -1.05 1.72 11.52
C GLY A 272 -1.63 3.11 11.73
N ALA A 273 -2.74 3.45 11.08
CA ALA A 273 -3.49 4.70 11.33
C ALA A 273 -4.29 4.53 12.63
N ASN A 274 -4.10 5.40 13.62
CA ASN A 274 -4.97 5.42 14.81
C ASN A 274 -5.93 6.60 14.65
N LEU A 275 -7.20 6.32 14.35
CA LEU A 275 -8.18 7.40 14.02
C LEU A 275 -8.95 7.81 15.28
N ASP A 276 -8.89 6.99 16.33
CA ASP A 276 -9.59 7.21 17.63
C ASP A 276 -11.05 7.61 17.36
N VAL A 277 -11.75 6.71 16.71
CA VAL A 277 -13.19 6.82 16.36
C VAL A 277 -13.91 5.71 17.10
N SER A 278 -15.23 5.83 17.18
CA SER A 278 -16.12 4.81 17.80
C SER A 278 -16.91 4.10 16.71
N ARG A 279 -16.89 4.64 15.48
CA ARG A 279 -17.65 4.07 14.36
C ARG A 279 -16.82 4.11 13.07
N VAL A 280 -16.83 3.00 12.33
CA VAL A 280 -16.43 2.90 10.91
C VAL A 280 -17.69 2.71 10.03
N ILE A 281 -17.78 3.50 8.97
CA ILE A 281 -18.72 3.32 7.82
C ILE A 281 -17.87 2.81 6.66
N ASP A 282 -18.24 1.67 6.08
CA ASP A 282 -17.43 0.94 5.09
C ASP A 282 -18.32 0.40 3.98
N GLY A 283 -18.33 1.08 2.83
CA GLY A 283 -18.97 0.63 1.59
C GLY A 283 -18.32 -0.60 0.98
N ARG A 284 -17.15 -1.01 1.47
CA ARG A 284 -16.45 -2.26 1.04
C ARG A 284 -16.08 -2.21 -0.44
N THR A 285 -15.72 -1.02 -0.94
CA THR A 285 -15.27 -0.79 -2.33
C THR A 285 -13.86 -0.20 -2.32
N ASN A 286 -13.17 -0.43 -3.41
CA ASN A 286 -11.87 0.20 -3.73
C ASN A 286 -11.78 0.43 -5.25
N ILE A 287 -10.93 1.36 -5.66
CA ILE A 287 -10.65 1.61 -7.10
C ILE A 287 -9.62 0.57 -7.55
N LYS A 288 -9.81 -0.03 -8.73
CA LYS A 288 -9.05 -1.23 -9.17
C LYS A 288 -8.15 -0.88 -10.36
N PRO A 289 -6.84 -0.63 -10.16
CA PRO A 289 -5.91 -0.49 -11.29
C PRO A 289 -5.77 -1.83 -12.03
N GLU A 290 -6.04 -1.83 -13.34
CA GLU A 290 -6.10 -3.08 -14.18
C GLU A 290 -5.52 -2.83 -15.59
N GLU A 291 -4.63 -3.71 -16.05
CA GLU A 291 -4.19 -3.69 -17.47
C GLU A 291 -5.34 -4.17 -18.36
N VAL A 292 -5.82 -3.32 -19.25
CA VAL A 292 -6.95 -3.59 -20.19
C VAL A 292 -6.48 -3.12 -21.56
N ASP A 293 -6.31 -4.05 -22.49
CA ASP A 293 -5.95 -3.74 -23.90
C ASP A 293 -4.65 -2.96 -23.88
N GLY A 294 -3.68 -3.40 -23.07
CA GLY A 294 -2.30 -2.86 -23.11
C GLY A 294 -2.14 -1.55 -22.34
N LYS A 295 -3.19 -1.05 -21.66
CA LYS A 295 -3.13 0.22 -20.88
C LYS A 295 -3.50 -0.09 -19.42
N VAL A 296 -3.09 0.75 -18.47
CA VAL A 296 -3.57 0.60 -17.07
C VAL A 296 -4.72 1.59 -16.88
N GLU A 297 -5.90 1.05 -16.60
CA GLU A 297 -7.13 1.80 -16.39
C GLU A 297 -7.40 1.90 -14.89
N LEU A 298 -8.12 2.94 -14.48
CA LEU A 298 -8.84 3.04 -13.18
C LEU A 298 -10.34 3.20 -13.43
N THR A 299 -11.01 2.26 -14.05
CA THR A 299 -12.47 2.40 -14.24
C THR A 299 -13.12 1.82 -12.98
N GLY A 300 -14.10 2.51 -12.42
CA GLY A 300 -15.13 1.92 -11.55
C GLY A 300 -14.56 1.47 -10.21
N THR A 301 -15.29 0.56 -9.56
CA THR A 301 -14.99 0.02 -8.20
C THR A 301 -14.96 -1.51 -8.26
N ARG A 302 -14.15 -2.10 -7.39
CA ARG A 302 -14.19 -3.52 -7.04
C ARG A 302 -14.67 -3.61 -5.59
N ARG A 303 -15.21 -4.78 -5.20
CA ARG A 303 -15.45 -5.15 -3.78
C ARG A 303 -14.07 -5.34 -3.11
N VAL A 304 -13.89 -4.85 -1.89
CA VAL A 304 -12.64 -5.11 -1.11
C VAL A 304 -12.44 -6.63 -0.88
N THR A 305 -11.19 -7.00 -0.58
CA THR A 305 -10.80 -8.32 -0.04
C THR A 305 -11.22 -8.38 1.43
N THR A 306 -11.40 -9.59 1.96
CA THR A 306 -11.62 -9.82 3.42
C THR A 306 -10.56 -9.09 4.24
N ALA A 307 -9.28 -9.21 3.87
CA ALA A 307 -8.14 -8.62 4.60
C ALA A 307 -8.33 -7.10 4.71
N SER A 308 -8.83 -6.46 3.64
CA SER A 308 -9.07 -5.00 3.65
C SER A 308 -10.26 -4.65 4.55
N ALA A 309 -11.38 -5.34 4.41
CA ALA A 309 -12.59 -5.19 5.25
C ALA A 309 -12.24 -5.35 6.75
N ALA A 310 -11.39 -6.32 7.06
CA ALA A 310 -10.90 -6.61 8.42
C ALA A 310 -10.06 -5.45 8.95
N GLN A 311 -9.18 -4.89 8.11
CA GLN A 311 -8.36 -3.73 8.51
C GLN A 311 -9.31 -2.55 8.74
N ARG A 312 -10.31 -2.39 7.88
CA ARG A 312 -11.23 -1.22 7.97
C ARG A 312 -12.03 -1.37 9.26
N ARG A 313 -12.65 -2.53 9.47
CA ARG A 313 -13.34 -2.84 10.77
C ARG A 313 -12.33 -2.67 11.92
N GLY A 314 -11.08 -3.10 11.69
CA GLY A 314 -9.98 -3.06 12.67
C GLY A 314 -9.64 -1.69 13.22
N ARG A 315 -10.07 -0.60 12.58
CA ARG A 315 -9.87 0.78 13.09
C ARG A 315 -10.64 0.98 14.40
N VAL A 316 -11.63 0.14 14.67
CA VAL A 316 -12.43 0.26 15.94
C VAL A 316 -12.31 -1.05 16.72
N GLY A 317 -12.86 -1.09 17.94
CA GLY A 317 -12.74 -2.28 18.81
C GLY A 317 -11.33 -2.47 19.33
N ARG A 318 -10.54 -1.40 19.43
CA ARG A 318 -9.11 -1.47 19.84
C ARG A 318 -9.01 -1.41 21.37
N GLN A 319 -10.10 -1.09 22.09
CA GLN A 319 -10.10 -0.89 23.56
C GLN A 319 -11.15 -1.79 24.25
N ASP A 320 -10.71 -2.61 25.22
CA ASP A 320 -11.63 -3.50 26.00
C ASP A 320 -12.58 -2.66 26.86
N GLY A 321 -13.81 -3.12 27.09
CA GLY A 321 -14.81 -2.42 27.94
C GLY A 321 -15.51 -1.27 27.24
N ARG A 322 -15.26 -1.13 25.92
CA ARG A 322 -15.96 -0.18 25.02
C ARG A 322 -16.58 -1.01 23.91
N THR A 323 -17.78 -0.66 23.46
CA THR A 323 -18.39 -1.24 22.25
C THR A 323 -18.39 -0.15 21.17
N ASP A 324 -17.91 -0.55 20.00
CA ASP A 324 -17.77 0.33 18.83
C ASP A 324 -18.66 -0.26 17.75
N GLU A 325 -18.85 0.48 16.66
CA GLU A 325 -19.73 0.09 15.53
C GLU A 325 -18.92 -0.04 14.23
N TYR A 326 -19.28 -1.04 13.44
CA TYR A 326 -18.78 -1.21 12.07
C TYR A 326 -20.03 -1.34 11.21
N ILE A 327 -20.34 -0.28 10.48
CA ILE A 327 -21.47 -0.22 9.51
C ILE A 327 -20.94 -0.43 8.09
N TYR A 328 -21.41 -1.48 7.42
CA TYR A 328 -20.91 -1.88 6.09
C TYR A 328 -22.07 -2.13 5.13
N SER A 329 -21.73 -2.25 3.85
CA SER A 329 -22.68 -2.51 2.74
C SER A 329 -22.08 -3.59 1.86
N GLY A 330 -22.77 -4.74 1.73
CA GLY A 330 -22.43 -5.80 0.76
C GLY A 330 -21.30 -6.68 1.21
N GLN A 331 -20.87 -7.56 0.33
CA GLN A 331 -19.88 -8.62 0.59
C GLN A 331 -18.49 -8.22 0.08
N CYS A 332 -17.50 -9.02 0.50
CA CYS A 332 -16.07 -9.00 0.10
C CYS A 332 -15.82 -9.93 -1.07
N ASP A 333 -14.64 -9.84 -1.68
CA ASP A 333 -14.24 -10.65 -2.86
C ASP A 333 -12.73 -10.83 -2.80
N ASP A 334 -12.28 -12.06 -2.53
CA ASP A 334 -10.85 -12.39 -2.31
C ASP A 334 -10.17 -12.67 -3.65
N ASP A 335 -10.93 -12.73 -4.75
CA ASP A 335 -10.35 -12.94 -6.10
C ASP A 335 -9.92 -11.62 -6.73
N ASP A 336 -8.69 -11.21 -6.43
CA ASP A 336 -8.05 -9.96 -6.92
C ASP A 336 -6.98 -10.31 -7.97
N SER A 337 -7.00 -11.53 -8.53
CA SER A 337 -6.01 -12.09 -9.52
C SER A 337 -5.88 -11.19 -10.76
N GLY A 338 -6.95 -10.53 -11.19
CA GLY A 338 -6.91 -9.69 -12.41
C GLY A 338 -6.24 -8.33 -12.20
N LEU A 339 -5.93 -7.93 -10.98
CA LEU A 339 -5.36 -6.58 -10.71
C LEU A 339 -3.90 -6.52 -11.16
N VAL A 340 -3.49 -5.35 -11.61
CA VAL A 340 -2.13 -5.13 -12.17
C VAL A 340 -1.08 -5.30 -11.04
N GLN A 341 -1.44 -5.08 -9.78
CA GLN A 341 -0.48 -5.28 -8.65
C GLN A 341 0.34 -6.59 -8.75
N TRP A 342 -0.23 -7.70 -9.23
CA TRP A 342 0.48 -9.00 -9.28
C TRP A 342 1.58 -8.96 -10.36
N LYS A 343 1.27 -8.38 -11.52
CA LYS A 343 2.25 -8.12 -12.62
C LYS A 343 3.33 -7.19 -12.11
N GLU A 344 2.93 -6.11 -11.45
CA GLU A 344 3.91 -5.16 -10.86
C GLU A 344 4.77 -5.84 -9.80
N ALA A 345 4.18 -6.71 -8.98
CA ALA A 345 4.99 -7.49 -8.01
C ALA A 345 6.01 -8.37 -8.75
N GLN A 346 5.61 -8.98 -9.87
CA GLN A 346 6.54 -9.92 -10.58
C GLN A 346 7.65 -9.12 -11.27
N ILE A 347 7.26 -8.02 -11.92
CA ILE A 347 8.22 -7.00 -12.44
C ILE A 347 9.31 -6.69 -11.39
N LEU A 348 8.91 -6.38 -10.16
CA LEU A 348 9.88 -6.04 -9.09
C LEU A 348 10.66 -7.28 -8.66
N LEU A 349 9.97 -8.40 -8.43
CA LEU A 349 10.60 -9.66 -7.92
C LEU A 349 11.65 -10.20 -8.92
N ASP A 350 11.33 -10.16 -10.22
CA ASP A 350 12.21 -10.71 -11.29
C ASP A 350 13.50 -9.88 -11.39
N ASN A 351 13.52 -8.66 -10.86
CA ASN A 351 14.66 -7.73 -10.97
C ASN A 351 15.37 -7.57 -9.64
N ILE A 352 14.99 -8.31 -8.59
CA ILE A 352 15.74 -8.23 -7.29
C ILE A 352 16.33 -9.59 -6.93
N THR A 353 16.37 -10.49 -7.92
CA THR A 353 16.75 -11.91 -7.72
C THR A 353 17.88 -12.25 -8.72
N PRO A 358 18.19 -18.86 -6.32
CA PRO A 358 17.33 -19.93 -6.84
C PRO A 358 16.21 -19.36 -7.71
N VAL A 359 15.21 -20.18 -8.04
CA VAL A 359 14.06 -19.68 -8.84
C VAL A 359 13.06 -19.06 -7.87
N ALA A 360 12.89 -17.75 -7.96
CA ALA A 360 12.10 -17.03 -6.94
C ALA A 360 10.62 -17.12 -7.25
N THR A 361 9.84 -17.18 -6.19
CA THR A 361 8.35 -17.25 -6.26
C THR A 361 7.76 -16.17 -5.34
N PHE A 362 6.44 -15.95 -5.40
CA PHE A 362 5.65 -15.20 -4.39
C PHE A 362 5.59 -16.05 -3.11
N TYR A 363 5.24 -15.44 -1.98
CA TYR A 363 4.80 -16.16 -0.75
C TYR A 363 3.79 -17.24 -1.15
N GLY A 364 3.98 -18.49 -0.70
CA GLY A 364 3.34 -19.70 -1.28
C GLY A 364 1.87 -19.48 -1.60
N PRO A 365 1.04 -19.13 -0.61
CA PRO A 365 -0.38 -18.82 -0.85
C PRO A 365 -0.70 -17.86 -2.01
N GLU A 366 0.21 -16.96 -2.38
CA GLU A 366 -0.04 -15.92 -3.43
C GLU A 366 0.51 -16.37 -4.79
N GLN A 367 1.19 -17.51 -4.81
CA GLN A 367 2.05 -17.91 -5.95
C GLN A 367 1.20 -18.23 -7.18
N ASP A 368 -0.05 -18.70 -6.99
CA ASP A 368 -1.03 -18.94 -8.07
C ASP A 368 -1.25 -17.65 -8.88
N LYS A 369 -0.85 -16.50 -8.34
CA LYS A 369 -1.23 -15.20 -8.94
C LYS A 369 -0.06 -14.56 -9.66
N MET A 370 1.13 -15.13 -9.60
CA MET A 370 2.24 -14.73 -10.50
C MET A 370 1.73 -14.87 -11.93
N PRO A 371 1.60 -13.78 -12.70
CA PRO A 371 1.02 -13.86 -14.03
C PRO A 371 1.90 -14.50 -15.12
N GLU A 372 3.21 -14.58 -14.96
CA GLU A 372 4.12 -15.18 -15.97
C GLU A 372 5.10 -16.13 -15.27
N VAL A 373 5.86 -16.89 -16.04
CA VAL A 373 6.95 -17.76 -15.50
C VAL A 373 7.98 -16.84 -14.85
N ALA A 374 8.53 -17.28 -13.71
CA ALA A 374 9.51 -16.50 -12.91
C ALA A 374 10.65 -16.07 -13.84
N GLY A 375 11.15 -14.85 -13.66
CA GLY A 375 12.25 -14.28 -14.46
C GLY A 375 11.79 -13.63 -15.74
N HIS A 376 10.52 -13.76 -16.12
CA HIS A 376 9.95 -13.19 -17.37
C HIS A 376 10.36 -11.71 -17.51
N PHE A 377 10.30 -10.93 -16.43
CA PHE A 377 10.42 -9.46 -16.53
C PHE A 377 11.82 -9.02 -16.15
N ARG A 378 12.76 -9.94 -15.96
CA ARG A 378 14.13 -9.51 -15.61
C ARG A 378 14.65 -8.61 -16.73
N LEU A 379 15.27 -7.50 -16.39
CA LEU A 379 15.96 -6.57 -17.30
C LEU A 379 17.47 -6.80 -17.21
N THR A 380 18.21 -6.41 -18.25
CA THR A 380 19.68 -6.22 -18.23
C THR A 380 20.00 -5.27 -17.08
N GLU A 381 21.25 -5.29 -16.60
CA GLU A 381 21.77 -4.41 -15.53
C GLU A 381 21.48 -2.97 -15.92
N GLU A 382 21.82 -2.62 -17.17
CA GLU A 382 21.83 -1.22 -17.64
C GLU A 382 20.38 -0.72 -17.62
N LYS A 383 19.45 -1.56 -18.07
CA LYS A 383 18.01 -1.20 -18.13
C LYS A 383 17.38 -1.25 -16.72
N ARG A 384 17.84 -2.13 -15.84
CA ARG A 384 17.36 -2.14 -14.44
C ARG A 384 17.72 -0.80 -13.77
N LYS A 385 18.91 -0.29 -14.05
CA LYS A 385 19.38 1.04 -13.57
C LYS A 385 18.37 2.11 -13.98
N HIS A 386 17.95 2.12 -15.26
CA HIS A 386 16.91 3.06 -15.78
C HIS A 386 15.58 2.86 -15.01
N PHE A 387 15.11 1.60 -14.95
CA PHE A 387 13.92 1.15 -14.19
C PHE A 387 13.94 1.74 -12.77
N ARG A 388 15.04 1.54 -12.05
CA ARG A 388 15.23 2.00 -10.65
C ARG A 388 15.15 3.52 -10.61
N HIS A 389 15.85 4.23 -11.51
CA HIS A 389 15.76 5.72 -11.60
C HIS A 389 14.28 6.15 -11.73
N LEU A 390 13.52 5.57 -12.67
CA LEU A 390 12.13 5.98 -12.97
C LEU A 390 11.25 5.72 -11.74
N LEU A 391 11.48 4.62 -11.03
CA LEU A 391 10.77 4.30 -9.76
C LEU A 391 11.12 5.31 -8.68
N THR A 392 12.41 5.53 -8.43
CA THR A 392 12.89 6.20 -7.19
C THR A 392 12.93 7.72 -7.39
N HIS A 393 13.11 8.21 -8.63
CA HIS A 393 13.37 9.65 -8.89
C HIS A 393 12.24 10.27 -9.70
N CYS A 394 11.48 9.51 -10.49
CA CYS A 394 10.40 10.08 -11.33
C CYS A 394 9.02 9.64 -10.85
N ASP A 395 8.92 8.82 -9.80
CA ASP A 395 7.61 8.51 -9.17
C ASP A 395 6.76 7.68 -10.15
N PHE A 396 7.39 6.94 -11.05
CA PHE A 396 6.67 6.07 -12.04
C PHE A 396 6.12 4.86 -11.29
N THR A 397 4.98 4.35 -11.72
CA THR A 397 4.49 3.02 -11.33
C THR A 397 5.49 1.97 -11.80
N PRO A 398 5.59 0.79 -11.15
CA PRO A 398 6.42 -0.31 -11.65
C PRO A 398 6.08 -0.70 -13.09
N TRP A 399 4.80 -0.71 -13.43
CA TRP A 399 4.31 -1.09 -14.77
C TRP A 399 4.92 -0.14 -15.82
N LEU A 400 4.74 1.17 -15.60
CA LEU A 400 5.23 2.15 -16.59
C LEU A 400 6.76 2.11 -16.63
N ALA A 401 7.42 2.11 -15.48
CA ALA A 401 8.90 2.10 -15.38
C ALA A 401 9.44 0.89 -16.11
N TRP A 402 8.80 -0.28 -15.98
CA TRP A 402 9.25 -1.49 -16.71
C TRP A 402 9.08 -1.27 -18.23
N HIS A 403 7.90 -0.94 -18.73
CA HIS A 403 7.68 -0.76 -20.19
C HIS A 403 8.64 0.28 -20.77
N VAL A 404 8.90 1.37 -20.06
CA VAL A 404 9.82 2.40 -20.58
C VAL A 404 11.24 1.78 -20.67
N ALA A 405 11.76 1.26 -19.57
CA ALA A 405 13.15 0.77 -19.43
C ALA A 405 13.45 -0.39 -20.39
N ALA A 406 12.47 -1.28 -20.65
CA ALA A 406 12.63 -2.45 -21.54
C ALA A 406 12.78 -2.03 -23.01
N ASN A 407 12.05 -0.99 -23.43
CA ASN A 407 11.73 -0.66 -24.85
C ASN A 407 12.50 0.58 -25.33
N VAL A 408 12.80 1.55 -24.47
CA VAL A 408 13.29 2.89 -24.91
C VAL A 408 14.82 2.84 -25.13
N SER A 409 15.30 3.50 -26.18
CA SER A 409 16.73 3.47 -26.62
C SER A 409 17.61 4.08 -25.54
N SER A 410 17.28 5.30 -25.10
CA SER A 410 18.12 6.11 -24.19
C SER A 410 17.35 6.53 -22.92
N VAL A 411 18.10 6.85 -21.88
CA VAL A 411 17.57 7.37 -20.58
C VAL A 411 17.12 8.82 -20.82
N THR A 412 17.53 9.42 -21.93
CA THR A 412 17.21 10.83 -22.28
C THR A 412 16.03 10.89 -23.25
N ASP A 413 15.66 9.80 -23.92
CA ASP A 413 14.51 9.85 -24.86
C ASP A 413 13.23 10.26 -24.13
N ARG A 414 12.48 11.20 -24.70
CA ARG A 414 11.14 11.58 -24.20
C ARG A 414 10.07 11.40 -25.26
N SER A 415 10.43 11.11 -26.51
CA SER A 415 9.49 11.01 -27.66
C SER A 415 8.42 9.93 -27.38
N TRP A 416 8.71 8.94 -26.54
CA TRP A 416 7.70 7.93 -26.17
C TRP A 416 6.48 8.61 -25.52
N THR A 417 6.60 9.82 -24.97
CA THR A 417 5.50 10.53 -24.28
C THR A 417 4.57 11.17 -25.30
N TRP A 418 4.99 11.33 -26.58
CA TRP A 418 4.10 11.97 -27.59
C TRP A 418 3.88 11.07 -28.80
N GLU A 419 4.57 9.97 -28.94
CA GLU A 419 4.52 9.16 -30.19
C GLU A 419 3.63 7.94 -30.02
N GLY A 420 2.84 7.89 -28.95
CA GLY A 420 1.86 6.82 -28.74
C GLY A 420 0.69 6.90 -29.72
N PRO A 421 -0.23 5.90 -29.73
CA PRO A 421 -1.40 5.97 -30.60
C PRO A 421 -2.29 7.12 -30.13
N GLU A 422 -3.16 7.64 -31.00
CA GLU A 422 -3.96 8.85 -30.73
C GLU A 422 -4.88 8.57 -29.54
N ALA A 423 -5.35 7.34 -29.41
CA ALA A 423 -6.28 6.93 -28.32
C ALA A 423 -5.64 7.15 -26.94
N ASN A 424 -4.31 7.24 -26.82
CA ASN A 424 -3.58 7.37 -25.52
C ASN A 424 -3.40 8.85 -25.13
N ALA A 425 -3.86 9.78 -25.94
CA ALA A 425 -3.75 11.23 -25.62
C ALA A 425 -4.42 11.50 -24.25
N VAL A 426 -3.79 12.33 -23.45
CA VAL A 426 -4.21 12.69 -22.07
C VAL A 426 -4.90 14.05 -22.15
N ASP A 427 -6.11 14.15 -21.57
CA ASP A 427 -6.96 15.37 -21.56
C ASP A 427 -6.82 16.07 -20.20
N GLU A 428 -6.80 17.42 -20.22
CA GLU A 428 -7.02 18.30 -19.04
C GLU A 428 -8.47 18.18 -18.60
N ALA A 429 -8.78 18.61 -17.38
CA ALA A 429 -10.14 18.76 -16.78
C ALA A 429 -11.08 19.42 -17.80
N SER A 430 -10.63 20.48 -18.43
CA SER A 430 -11.42 21.30 -19.37
C SER A 430 -11.65 20.59 -20.73
N GLY A 431 -11.10 19.38 -20.95
CA GLY A 431 -11.41 18.54 -22.15
C GLY A 431 -10.45 18.73 -23.31
N ASP A 432 -9.54 19.69 -23.23
CA ASP A 432 -8.44 19.85 -24.22
C ASP A 432 -7.31 18.86 -23.91
N LEU A 433 -6.66 18.36 -24.95
CA LEU A 433 -5.47 17.49 -24.85
C LEU A 433 -4.30 18.29 -24.29
N VAL A 434 -3.63 17.71 -23.31
CA VAL A 434 -2.45 18.31 -22.63
C VAL A 434 -1.39 18.60 -23.68
N THR A 435 -0.82 19.80 -23.66
CA THR A 435 0.29 20.14 -24.57
C THR A 435 1.46 20.56 -23.71
N PHE A 436 2.68 20.48 -24.25
CA PHE A 436 3.92 20.96 -23.61
C PHE A 436 4.99 21.15 -24.68
N ARG A 437 6.12 21.67 -24.28
CA ARG A 437 7.23 22.02 -25.21
C ARG A 437 8.46 21.20 -24.88
N SER A 438 9.03 20.57 -25.88
CA SER A 438 10.38 19.97 -25.79
C SER A 438 11.40 21.11 -25.72
N PRO A 439 12.67 20.85 -25.31
CA PRO A 439 13.66 21.92 -25.18
C PRO A 439 13.90 22.75 -26.46
N ASN A 440 13.73 22.14 -27.65
CA ASN A 440 13.81 22.80 -28.99
C ASN A 440 12.56 23.61 -29.34
N GLY A 441 11.63 23.81 -28.40
CA GLY A 441 10.44 24.66 -28.60
C GLY A 441 9.30 23.99 -29.37
N ALA A 442 9.49 22.76 -29.84
CA ALA A 442 8.40 21.97 -30.47
C ALA A 442 7.22 21.72 -29.53
N GLU A 443 6.01 22.04 -29.99
CA GLU A 443 4.78 21.74 -29.23
C GLU A 443 4.43 20.26 -29.38
N ARG A 444 4.24 19.61 -28.26
CA ARG A 444 3.87 18.17 -28.18
C ARG A 444 2.49 18.04 -27.53
N THR A 445 1.73 17.04 -27.94
CA THR A 445 0.54 16.56 -27.23
C THR A 445 0.95 15.35 -26.41
N LEU A 446 0.59 15.34 -25.12
CA LEU A 446 0.89 14.22 -24.22
C LEU A 446 0.07 13.02 -24.72
N ARG A 447 0.78 12.00 -25.20
CA ARG A 447 0.17 10.88 -25.97
C ARG A 447 1.15 9.73 -25.81
N PRO A 448 1.27 9.15 -24.59
CA PRO A 448 2.33 8.20 -24.35
C PRO A 448 2.06 6.86 -25.03
N VAL A 449 3.15 6.23 -25.50
CA VAL A 449 3.17 4.84 -26.03
C VAL A 449 2.55 3.90 -24.97
N TRP A 450 3.02 4.01 -23.72
CA TRP A 450 2.55 3.25 -22.53
C TRP A 450 1.72 4.18 -21.64
N LYS A 451 0.44 3.84 -21.46
CA LYS A 451 -0.56 4.72 -20.84
C LYS A 451 -1.01 4.08 -19.50
N ASP A 452 -0.60 4.68 -18.39
CA ASP A 452 -1.01 4.26 -17.02
C ASP A 452 -1.82 5.40 -16.37
N ALA A 453 -3.14 5.22 -16.28
CA ALA A 453 -4.07 6.27 -15.79
C ALA A 453 -3.63 6.80 -14.42
N ARG A 454 -2.92 6.00 -13.62
CA ARG A 454 -2.49 6.37 -12.24
C ARG A 454 -1.55 7.58 -12.31
N MET A 455 -0.91 7.79 -13.45
CA MET A 455 0.07 8.89 -13.58
C MET A 455 -0.69 10.23 -13.73
N PHE A 456 -1.99 10.21 -14.04
CA PHE A 456 -2.72 11.44 -14.42
C PHE A 456 -3.93 11.69 -13.53
N LYS A 457 -4.05 11.04 -12.38
CA LYS A 457 -5.19 11.24 -11.43
C LYS A 457 -4.90 10.50 -10.13
N GLU A 458 -5.86 10.56 -9.21
CA GLU A 458 -5.86 9.84 -7.91
C GLU A 458 -4.51 9.93 -7.22
N GLY A 459 -4.02 11.12 -6.93
CA GLY A 459 -2.79 11.26 -6.12
C GLY A 459 -1.56 11.55 -6.97
N ARG A 460 -1.70 11.56 -8.28
CA ARG A 460 -0.62 12.13 -9.12
C ARG A 460 -1.19 13.21 -10.02
N ASP A 461 -0.35 14.18 -10.40
CA ASP A 461 -0.79 15.29 -11.29
C ASP A 461 -0.13 15.20 -12.67
N ILE A 462 -0.91 15.51 -13.70
CA ILE A 462 -0.41 15.72 -15.08
C ILE A 462 0.83 16.63 -15.05
N LYS A 463 0.79 17.70 -14.27
CA LYS A 463 1.90 18.70 -14.20
C LYS A 463 3.24 17.99 -13.88
N GLU A 464 3.27 16.99 -12.99
CA GLU A 464 4.56 16.32 -12.61
C GLU A 464 5.04 15.43 -13.76
N PHE A 465 4.11 14.81 -14.50
CA PHE A 465 4.47 13.97 -15.66
C PHE A 465 5.00 14.89 -16.76
N VAL A 466 4.44 16.09 -16.89
CA VAL A 466 4.84 17.03 -17.97
C VAL A 466 6.29 17.49 -17.69
N ALA A 467 6.65 17.67 -16.43
CA ALA A 467 8.05 17.98 -16.04
C ALA A 467 8.93 16.91 -16.64
N TYR A 468 8.53 15.64 -16.54
CA TYR A 468 9.36 14.53 -17.08
C TYR A 468 9.32 14.57 -18.62
N ALA A 469 8.14 14.71 -19.22
CA ALA A 469 7.95 14.57 -20.69
C ALA A 469 8.72 15.67 -21.43
N SER A 470 8.69 16.89 -20.89
CA SER A 470 9.40 18.09 -21.42
C SER A 470 10.91 18.03 -21.15
N GLY A 471 11.42 17.01 -20.44
CA GLY A 471 12.88 16.81 -20.24
C GLY A 471 13.48 17.63 -19.10
N ARG A 472 12.67 18.38 -18.36
CA ARG A 472 13.05 18.97 -17.05
C ARG A 472 13.28 17.86 -16.03
N ARG A 473 12.53 16.76 -16.18
CA ARG A 473 12.46 15.56 -15.29
C ARG A 473 12.50 16.00 -13.83
P PO4 B . -2.95 -2.24 12.60
O1 PO4 B . -1.82 -2.69 13.51
O2 PO4 B . -4.31 -2.74 13.12
O3 PO4 B . -2.74 -2.86 11.19
O4 PO4 B . -3.00 -0.71 12.53
MN MN C . 0.33 -2.66 14.01
PB ADP D . -1.41 -4.48 16.29
O1B ADP D . -1.40 -5.98 16.54
O2B ADP D . -2.63 -4.02 15.49
O3B ADP D . -0.11 -4.02 15.67
PA ADP D . -0.85 -2.45 18.41
O1A ADP D . 0.58 -2.74 18.74
O2A ADP D . -1.17 -1.24 17.57
O3A ADP D . -1.54 -3.74 17.72
O5' ADP D . -1.74 -2.36 19.76
C5' ADP D . -1.08 -2.39 21.04
C4' ADP D . -1.63 -1.26 21.88
O4' ADP D . -1.03 -1.35 23.19
C3' ADP D . -1.28 0.16 21.42
O3' ADP D . -2.15 1.11 22.03
C2' ADP D . 0.16 0.28 21.94
O2' ADP D . 0.57 1.63 22.03
C1' ADP D . 0.02 -0.41 23.30
N9 ADP D . 1.23 -1.11 23.74
C8 ADP D . 1.43 -2.48 23.76
N7 ADP D . 2.60 -2.81 24.21
C5 ADP D . 3.22 -1.61 24.51
C6 ADP D . 4.50 -1.31 25.04
N6 ADP D . 5.40 -2.24 25.37
N1 ADP D . 4.81 0.00 25.23
C2 ADP D . 3.90 0.92 24.91
N3 ADP D . 2.67 0.75 24.40
C4 ADP D . 2.39 -0.55 24.23
NA NA E . -9.61 20.13 6.34
#